data_5O1A
#
_entry.id   5O1A
#
_cell.length_a   65.156
_cell.length_b   71.087
_cell.length_c   105.264
_cell.angle_alpha   90.00
_cell.angle_beta   90.00
_cell.angle_gamma   90.00
#
_symmetry.space_group_name_H-M   'P 21 21 21'
#
loop_
_entity.id
_entity.type
_entity.pdbx_description
1 polymer 'Cellular tumor antigen p53'
2 non-polymer 'ZINC ION'
3 non-polymer [3,5-bis(iodanyl)-2-oxidanyl-4-pyrrol-1-yl-phenyl]-(4-methylpiperazin-1-yl)methanone
4 non-polymer GLYCEROL
5 water water
#
_entity_poly.entity_id   1
_entity_poly.type   'polypeptide(L)'
_entity_poly.pdbx_seq_one_letter_code
;SSSVPSQKTYQGSYGFRLGFLHSGTAKSVTCTYSPALNKLFCQLAKTCPVQLWVDSTPPPGTRVRAMAIYKQSQHMTEVV
RRCPHHERCSDSDGLAPPQHLIRVEGNLRAEYLDDRNTFRHSVVVPCEPPEVGSDCTTIHYNYMCYSSCMGGMNRRPILT
IITLEDSSGNLLGRDSFEVRVCACPGRDRRTEEENLRKKGEPHHELPPGSTKRALPNNT
;
_entity_poly.pdbx_strand_id   A,B
#
loop_
_chem_comp.id
_chem_comp.type
_chem_comp.name
_chem_comp.formula
9H5 non-polymer [3,5-bis(iodanyl)-2-oxidanyl-4-pyrrol-1-yl-phenyl]-(4-methylpiperazin-1-yl)methanone 'C16 H17 I2 N3 O2'
GOL non-polymer GLYCEROL 'C3 H8 O3'
ZN non-polymer 'ZINC ION' 'Zn 2'
#
# COMPACT_ATOMS: atom_id res chain seq x y z
N SER A 3 -12.13 -5.25 -3.98
CA SER A 3 -11.87 -6.66 -3.74
C SER A 3 -10.56 -6.85 -2.98
N VAL A 4 -10.05 -5.74 -2.45
CA VAL A 4 -8.82 -5.74 -1.65
C VAL A 4 -9.00 -4.81 -0.45
N PRO A 5 -8.89 -5.30 0.78
CA PRO A 5 -9.00 -4.42 1.94
C PRO A 5 -7.85 -3.42 1.99
N SER A 6 -8.16 -2.19 2.39
CA SER A 6 -7.12 -1.17 2.52
C SER A 6 -6.16 -1.53 3.65
N GLN A 7 -4.89 -1.16 3.45
CA GLN A 7 -3.87 -1.32 4.49
C GLN A 7 -3.31 0.02 4.93
N LYS A 8 -3.94 1.12 4.57
CA LYS A 8 -3.41 2.44 4.88
C LYS A 8 -3.47 2.69 6.38
N THR A 9 -2.32 3.04 6.97
CA THR A 9 -2.29 3.37 8.39
C THR A 9 -3.14 4.61 8.64
N TYR A 10 -3.98 4.57 9.66
CA TYR A 10 -4.91 5.65 9.93
C TYR A 10 -5.14 5.71 11.43
N GLN A 11 -4.57 6.71 12.11
CA GLN A 11 -4.78 6.77 13.54
C GLN A 11 -6.20 7.19 13.90
N GLY A 12 -6.84 8.02 13.08
CA GLY A 12 -8.20 8.42 13.36
C GLY A 12 -8.31 9.36 14.57
N SER A 13 -9.56 9.59 14.95
CA SER A 13 -9.87 10.57 15.99
C SER A 13 -9.37 10.13 17.36
N TYR A 14 -9.20 8.84 17.58
CA TYR A 14 -8.79 8.33 18.88
C TYR A 14 -7.30 8.06 18.99
N GLY A 15 -6.52 8.32 17.94
CA GLY A 15 -5.08 8.11 17.99
C GLY A 15 -4.72 6.64 18.12
N PHE A 16 -5.37 5.79 17.31
CA PHE A 16 -5.22 4.35 17.41
C PHE A 16 -3.92 3.89 16.77
N ARG A 17 -3.16 3.04 17.48
CA ARG A 17 -1.99 2.40 16.90
C ARG A 17 -1.64 1.15 17.69
N LEU A 18 -0.82 0.31 17.08
CA LEU A 18 -0.43 -0.95 17.71
C LEU A 18 0.88 -0.77 18.48
N GLY A 19 1.16 -1.75 19.35
CA GLY A 19 2.45 -1.83 20.01
C GLY A 19 2.85 -3.28 20.17
N PHE A 20 4.16 -3.52 20.25
CA PHE A 20 4.67 -4.86 20.39
C PHE A 20 5.71 -4.92 21.50
N LEU A 21 5.76 -6.05 22.18
CA LEU A 21 6.76 -6.30 23.21
C LEU A 21 8.14 -6.44 22.57
N HIS A 22 9.16 -6.43 23.42
CA HIS A 22 10.55 -6.58 22.99
C HIS A 22 11.04 -7.94 23.46
N SER A 23 10.89 -8.94 22.59
CA SER A 23 11.11 -10.34 22.96
C SER A 23 12.49 -10.86 22.60
N GLY A 24 13.26 -10.13 21.78
CA GLY A 24 14.59 -10.58 21.42
C GLY A 24 14.58 -11.64 20.33
N THR A 25 15.78 -12.13 20.00
CA THR A 25 15.94 -13.07 18.90
C THR A 25 16.61 -14.37 19.31
N ALA A 26 16.54 -14.74 20.60
CA ALA A 26 17.10 -16.00 21.04
C ALA A 26 16.45 -17.17 20.29
N LYS A 27 17.19 -18.27 20.17
CA LYS A 27 16.68 -19.42 19.42
C LYS A 27 15.37 -19.94 19.99
N SER A 28 15.14 -19.74 21.30
CA SER A 28 13.96 -20.25 21.97
C SER A 28 12.73 -19.35 21.85
N VAL A 29 12.87 -18.14 21.31
CA VAL A 29 11.75 -17.21 21.31
C VAL A 29 10.63 -17.74 20.41
N THR A 30 9.39 -17.54 20.84
CA THR A 30 8.24 -18.06 20.10
C THR A 30 7.50 -17.00 19.32
N CYS A 31 7.75 -15.72 19.60
CA CYS A 31 7.09 -14.62 18.92
C CYS A 31 8.00 -13.42 19.12
N THR A 32 8.34 -12.75 18.03
CA THR A 32 9.24 -11.60 18.11
C THR A 32 8.94 -10.63 16.98
N TYR A 33 8.95 -9.34 17.30
CA TYR A 33 8.56 -8.29 16.37
C TYR A 33 9.78 -7.48 15.94
N SER A 34 9.91 -7.25 14.64
CA SER A 34 10.97 -6.42 14.08
C SER A 34 10.42 -5.06 13.71
N PRO A 35 10.74 -4.00 14.45
CA PRO A 35 10.36 -2.66 13.99
C PRO A 35 10.97 -2.27 12.66
N ALA A 36 12.22 -2.67 12.40
CA ALA A 36 12.86 -2.26 11.15
C ALA A 36 12.12 -2.82 9.95
N LEU A 37 11.54 -4.03 10.07
CA LEU A 37 10.82 -4.67 8.99
C LEU A 37 9.30 -4.50 9.11
N ASN A 38 8.82 -3.92 10.21
CA ASN A 38 7.40 -3.96 10.60
C ASN A 38 6.82 -5.35 10.38
N LYS A 39 7.45 -6.33 11.03
CA LYS A 39 7.17 -7.73 10.74
C LYS A 39 7.21 -8.55 12.03
N LEU A 40 6.14 -9.29 12.27
CA LEU A 40 6.05 -10.21 13.40
C LEU A 40 6.47 -11.60 12.91
N PHE A 41 7.34 -12.26 13.68
CA PHE A 41 7.76 -13.63 13.41
C PHE A 41 7.27 -14.49 14.56
N CYS A 42 6.54 -15.57 14.25
CA CYS A 42 5.97 -16.36 15.33
C CYS A 42 5.91 -17.84 14.95
N GLN A 43 5.90 -18.68 15.98
CA GLN A 43 5.67 -20.10 15.80
C GLN A 43 4.18 -20.40 15.62
N LEU A 44 3.92 -21.58 15.08
CA LEU A 44 2.56 -22.02 14.80
C LEU A 44 1.76 -22.15 16.09
N ALA A 45 0.59 -21.51 16.12
CA ALA A 45 -0.38 -21.62 17.22
C ALA A 45 0.17 -21.13 18.56
N LYS A 46 1.16 -20.27 18.57
CA LYS A 46 1.67 -19.71 19.82
C LYS A 46 1.11 -18.30 20.04
N THR A 47 1.11 -17.89 21.30
CA THR A 47 0.54 -16.60 21.68
C THR A 47 1.33 -15.46 21.06
N CYS A 48 0.62 -14.55 20.39
CA CYS A 48 1.21 -13.34 19.83
C CYS A 48 0.55 -12.15 20.50
N PRO A 49 1.21 -11.53 21.48
CA PRO A 49 0.62 -10.38 22.17
C PRO A 49 0.74 -9.13 21.32
N VAL A 50 -0.40 -8.49 21.03
CA VAL A 50 -0.43 -7.25 20.26
C VAL A 50 -1.07 -6.19 21.14
N GLN A 51 -0.35 -5.10 21.40
CA GLN A 51 -0.88 -4.02 22.21
C GLN A 51 -1.73 -3.08 21.36
N LEU A 52 -2.80 -2.57 21.96
CA LEU A 52 -3.63 -1.54 21.37
C LEU A 52 -3.44 -0.27 22.19
N TRP A 53 -3.15 0.83 21.52
CA TRP A 53 -2.93 2.12 22.16
C TRP A 53 -3.86 3.15 21.53
N VAL A 54 -4.44 4.01 22.37
CA VAL A 54 -5.22 5.14 21.91
C VAL A 54 -4.87 6.37 22.72
N ASP A 55 -5.11 7.54 22.15
CA ASP A 55 -4.96 8.78 22.90
C ASP A 55 -6.21 9.13 23.70
N SER A 56 -7.37 8.64 23.29
CA SER A 56 -8.61 8.92 23.99
C SER A 56 -9.54 7.72 23.84
N THR A 57 -10.51 7.64 24.75
CA THR A 57 -11.34 6.45 24.84
C THR A 57 -12.40 6.46 23.74
N PRO A 58 -12.47 5.40 22.93
CA PRO A 58 -13.52 5.32 21.90
C PRO A 58 -14.86 4.98 22.53
N PRO A 59 -15.96 5.16 21.81
CA PRO A 59 -17.29 4.99 22.40
C PRO A 59 -17.57 3.53 22.76
N PRO A 60 -18.47 3.29 23.71
CA PRO A 60 -18.93 1.92 23.97
C PRO A 60 -19.46 1.27 22.71
N GLY A 61 -19.08 0.02 22.48
CA GLY A 61 -19.46 -0.69 21.29
C GLY A 61 -18.41 -0.65 20.19
N THR A 62 -17.34 0.11 20.36
CA THR A 62 -16.22 0.03 19.44
C THR A 62 -15.60 -1.36 19.50
N ARG A 63 -15.10 -1.85 18.36
CA ARG A 63 -14.51 -3.18 18.28
C ARG A 63 -13.19 -3.14 17.52
N VAL A 64 -12.41 -4.20 17.66
CA VAL A 64 -11.10 -4.34 17.02
CA VAL A 64 -11.12 -4.32 17.00
C VAL A 64 -11.11 -5.62 16.19
N ARG A 65 -10.88 -5.49 14.89
CA ARG A 65 -10.93 -6.60 13.95
C ARG A 65 -9.54 -6.89 13.41
N ALA A 66 -9.23 -8.18 13.21
CA ALA A 66 -7.99 -8.60 12.57
C ALA A 66 -8.31 -9.41 11.31
N MET A 67 -7.58 -9.14 10.24
CA MET A 67 -7.76 -9.84 8.96
C MET A 67 -6.41 -9.97 8.29
N ALA A 68 -6.17 -11.09 7.62
CA ALA A 68 -4.92 -11.29 6.88
C ALA A 68 -5.16 -11.11 5.39
N ILE A 69 -4.19 -10.50 4.71
CA ILE A 69 -4.19 -10.45 3.25
C ILE A 69 -2.79 -10.81 2.77
N TYR A 70 -2.70 -11.27 1.52
CA TYR A 70 -1.38 -11.46 0.93
C TYR A 70 -0.72 -10.11 0.67
N LYS A 71 0.57 -10.04 0.94
CA LYS A 71 1.32 -8.80 0.80
C LYS A 71 1.62 -8.45 -0.66
N GLN A 72 1.89 -9.46 -1.49
CA GLN A 72 2.24 -9.21 -2.88
C GLN A 72 0.99 -8.89 -3.69
N SER A 73 1.09 -7.84 -4.51
CA SER A 73 -0.09 -7.34 -5.23
CA SER A 73 -0.09 -7.34 -5.23
C SER A 73 -0.73 -8.43 -6.11
N GLN A 74 0.09 -9.28 -6.72
CA GLN A 74 -0.44 -10.29 -7.63
C GLN A 74 -1.22 -11.38 -6.91
N HIS A 75 -1.19 -11.42 -5.57
CA HIS A 75 -1.95 -12.40 -4.80
C HIS A 75 -2.98 -11.74 -3.90
N MET A 76 -3.10 -10.41 -3.93
CA MET A 76 -3.89 -9.74 -2.91
CA MET A 76 -3.89 -9.69 -2.94
C MET A 76 -5.38 -10.04 -3.01
N THR A 77 -5.88 -10.43 -4.18
CA THR A 77 -7.31 -10.75 -4.26
C THR A 77 -7.64 -12.15 -3.76
N GLU A 78 -6.64 -12.98 -3.47
CA GLU A 78 -6.88 -14.33 -2.98
C GLU A 78 -7.09 -14.32 -1.47
N VAL A 79 -8.15 -14.99 -1.02
CA VAL A 79 -8.43 -15.05 0.41
C VAL A 79 -7.34 -15.84 1.11
N VAL A 80 -6.81 -15.29 2.21
CA VAL A 80 -5.86 -16.02 3.06
C VAL A 80 -6.64 -16.99 3.93
N ARG A 81 -6.32 -18.27 3.83
CA ARG A 81 -7.01 -19.29 4.60
C ARG A 81 -6.01 -20.35 5.03
N ARG A 82 -6.42 -21.21 5.96
CA ARG A 82 -5.56 -22.33 6.32
C ARG A 82 -5.47 -23.34 5.18
N CYS A 83 -4.36 -24.07 5.17
CA CYS A 83 -4.02 -24.99 4.10
C CYS A 83 -4.91 -26.24 4.19
N PRO A 84 -4.87 -27.09 3.16
CA PRO A 84 -5.76 -28.28 3.16
C PRO A 84 -5.49 -29.25 4.29
N HIS A 85 -4.27 -29.25 4.85
CA HIS A 85 -3.99 -30.10 5.99
C HIS A 85 -4.53 -29.49 7.27
N HIS A 86 -4.17 -28.23 7.55
CA HIS A 86 -4.53 -27.66 8.85
C HIS A 86 -6.03 -27.40 8.98
N GLU A 87 -6.72 -27.12 7.87
CA GLU A 87 -8.16 -26.92 8.03
C GLU A 87 -8.87 -28.20 8.44
N ARG A 88 -8.23 -29.36 8.30
CA ARG A 88 -8.82 -30.65 8.64
C ARG A 88 -8.24 -31.26 9.90
N CYS A 89 -7.37 -30.54 10.61
N CYS A 89 -7.40 -30.55 10.63
CA CYS A 89 -6.87 -31.02 11.88
CA CYS A 89 -6.89 -31.15 11.85
C CYS A 89 -7.97 -30.89 12.93
C CYS A 89 -7.75 -30.74 13.03
N SER A 90 -7.80 -31.61 14.04
CA SER A 90 -8.75 -31.51 15.14
C SER A 90 -8.20 -30.56 16.20
N ASP A 91 -8.08 -29.29 15.82
CA ASP A 91 -7.52 -28.28 16.71
C ASP A 91 -8.49 -27.13 17.00
N SER A 92 -9.78 -27.34 16.78
CA SER A 92 -10.76 -26.29 17.05
C SER A 92 -10.76 -25.94 18.53
N ASP A 93 -10.97 -24.66 18.83
CA ASP A 93 -11.15 -24.19 20.19
C ASP A 93 -12.62 -24.06 20.56
N GLY A 94 -13.52 -24.54 19.72
CA GLY A 94 -14.94 -24.40 19.95
C GLY A 94 -15.55 -23.09 19.49
N LEU A 95 -14.76 -22.19 18.91
CA LEU A 95 -15.27 -20.90 18.47
C LEU A 95 -14.76 -20.54 17.08
N ALA A 96 -13.45 -20.69 16.84
CA ALA A 96 -12.90 -20.35 15.54
C ALA A 96 -13.28 -21.40 14.50
N PRO A 97 -13.79 -21.01 13.33
CA PRO A 97 -13.97 -21.98 12.26
C PRO A 97 -12.64 -22.57 11.86
N PRO A 98 -12.62 -23.83 11.45
CA PRO A 98 -11.34 -24.49 11.17
C PRO A 98 -10.57 -23.90 10.00
N GLN A 99 -11.22 -23.13 9.13
CA GLN A 99 -10.52 -22.53 7.99
C GLN A 99 -9.79 -21.24 8.33
N HIS A 100 -10.06 -20.62 9.48
CA HIS A 100 -9.50 -19.31 9.77
C HIS A 100 -8.05 -19.38 10.21
N LEU A 101 -7.20 -18.56 9.59
CA LEU A 101 -5.79 -18.50 9.97
C LEU A 101 -5.60 -17.84 11.34
N ILE A 102 -6.30 -16.73 11.59
CA ILE A 102 -6.08 -15.93 12.79
C ILE A 102 -7.16 -16.26 13.81
N ARG A 103 -6.73 -16.60 15.02
CA ARG A 103 -7.62 -16.76 16.16
C ARG A 103 -7.25 -15.75 17.24
N VAL A 104 -8.24 -15.43 18.07
CA VAL A 104 -8.01 -14.71 19.32
C VAL A 104 -8.06 -15.73 20.45
N GLU A 105 -7.05 -15.68 21.32
CA GLU A 105 -6.93 -16.59 22.44
C GLU A 105 -7.54 -15.97 23.70
N GLY A 106 -8.31 -16.76 24.44
CA GLY A 106 -8.77 -16.35 25.75
C GLY A 106 -9.75 -15.21 25.80
N ASN A 107 -10.65 -15.12 24.83
CA ASN A 107 -11.67 -14.07 24.83
C ASN A 107 -12.98 -14.68 24.34
N LEU A 108 -13.89 -14.96 25.26
CA LEU A 108 -15.16 -15.58 24.91
C LEU A 108 -16.05 -14.68 24.07
N ARG A 109 -15.73 -13.39 23.96
CA ARG A 109 -16.52 -12.47 23.17
C ARG A 109 -15.99 -12.31 21.75
N ALA A 110 -14.95 -13.05 21.38
CA ALA A 110 -14.45 -13.00 20.02
C ALA A 110 -15.52 -13.52 19.07
N GLU A 111 -15.66 -12.87 17.93
CA GLU A 111 -16.57 -13.31 16.87
C GLU A 111 -15.80 -13.50 15.59
N TYR A 112 -16.13 -14.55 14.85
CA TYR A 112 -15.46 -14.89 13.62
C TYR A 112 -16.39 -14.65 12.45
N LEU A 113 -15.91 -13.95 11.44
CA LEU A 113 -16.72 -13.58 10.30
C LEU A 113 -16.19 -14.22 9.03
N ASP A 114 -17.08 -14.86 8.28
CA ASP A 114 -16.85 -15.21 6.88
CA ASP A 114 -16.86 -15.19 6.88
C ASP A 114 -17.67 -14.20 6.07
N ASP A 115 -17.00 -13.27 5.41
CA ASP A 115 -17.71 -12.20 4.73
C ASP A 115 -18.57 -12.77 3.60
N ARG A 116 -19.86 -12.42 3.60
CA ARG A 116 -20.77 -12.99 2.63
C ARG A 116 -20.50 -12.52 1.22
N ASN A 117 -19.80 -11.40 1.05
CA ASN A 117 -19.50 -10.85 -0.28
C ASN A 117 -18.07 -11.08 -0.73
N THR A 118 -17.09 -10.88 0.14
CA THR A 118 -15.68 -11.04 -0.23
C THR A 118 -15.12 -12.40 0.13
N PHE A 119 -15.81 -13.17 0.98
CA PHE A 119 -15.38 -14.47 1.48
C PHE A 119 -14.15 -14.39 2.38
N ARG A 120 -13.71 -13.20 2.74
CA ARG A 120 -12.55 -13.09 3.61
C ARG A 120 -12.92 -13.38 5.05
N HIS A 121 -11.94 -13.88 5.79
CA HIS A 121 -12.09 -14.22 7.19
C HIS A 121 -11.59 -13.09 8.06
N SER A 122 -12.24 -12.92 9.21
CA SER A 122 -11.70 -12.01 10.20
C SER A 122 -12.19 -12.42 11.58
N VAL A 123 -11.53 -11.88 12.60
CA VAL A 123 -11.90 -12.12 13.99
C VAL A 123 -11.97 -10.77 14.69
N VAL A 124 -13.06 -10.52 15.41
CA VAL A 124 -13.32 -9.21 15.99
C VAL A 124 -13.66 -9.37 17.46
N VAL A 125 -13.15 -8.46 18.29
CA VAL A 125 -13.43 -8.45 19.72
C VAL A 125 -13.92 -7.07 20.16
N PRO A 126 -14.74 -6.99 21.21
CA PRO A 126 -15.09 -5.68 21.75
C PRO A 126 -13.90 -5.00 22.40
N CYS A 127 -13.85 -3.68 22.28
CA CYS A 127 -12.88 -2.91 23.02
C CYS A 127 -13.18 -2.98 24.52
N GLU A 128 -12.15 -3.23 25.32
CA GLU A 128 -12.24 -3.16 26.77
C GLU A 128 -11.13 -2.25 27.27
N PRO A 129 -11.40 -1.40 28.25
CA PRO A 129 -10.36 -0.53 28.80
CA PRO A 129 -10.36 -0.53 28.80
C PRO A 129 -9.28 -1.35 29.48
N PRO A 130 -8.07 -0.81 29.61
CA PRO A 130 -6.99 -1.53 30.27
C PRO A 130 -7.33 -1.85 31.73
N GLU A 131 -6.68 -2.89 32.24
CA GLU A 131 -6.79 -3.17 33.67
C GLU A 131 -6.19 -2.02 34.46
N VAL A 132 -6.68 -1.85 35.68
CA VAL A 132 -6.16 -0.78 36.54
C VAL A 132 -4.66 -0.98 36.70
N GLY A 133 -3.90 0.10 36.46
CA GLY A 133 -2.46 0.06 36.50
C GLY A 133 -1.79 -0.11 35.16
N SER A 134 -2.55 -0.43 34.11
CA SER A 134 -2.00 -0.59 32.77
C SER A 134 -2.45 0.57 31.88
N ASP A 135 -1.63 0.85 30.87
CA ASP A 135 -1.90 1.96 29.96
C ASP A 135 -2.38 1.53 28.59
N CYS A 136 -2.37 0.22 28.30
CA CYS A 136 -2.84 -0.27 27.02
C CYS A 136 -3.57 -1.58 27.24
N THR A 137 -4.27 -2.03 26.21
CA THR A 137 -4.94 -3.32 26.21
C THR A 137 -4.16 -4.22 25.26
N THR A 138 -4.07 -5.51 25.59
CA THR A 138 -3.35 -6.47 24.77
C THR A 138 -4.33 -7.52 24.28
N ILE A 139 -4.30 -7.82 22.98
CA ILE A 139 -5.03 -8.94 22.41
C ILE A 139 -4.02 -10.03 22.12
N HIS A 140 -4.40 -11.27 22.41
CA HIS A 140 -3.53 -12.42 22.14
C HIS A 140 -4.02 -13.14 20.90
N TYR A 141 -3.24 -13.08 19.82
CA TYR A 141 -3.58 -13.74 18.58
C TYR A 141 -2.80 -15.04 18.42
N ASN A 142 -3.35 -15.96 17.64
CA ASN A 142 -2.67 -17.17 17.21
C ASN A 142 -2.77 -17.27 15.70
N TYR A 143 -1.69 -17.70 15.06
CA TYR A 143 -1.68 -17.96 13.63
C TYR A 143 -1.60 -19.47 13.43
N MET A 144 -2.54 -20.01 12.66
CA MET A 144 -2.83 -21.44 12.70
C MET A 144 -2.30 -22.24 11.50
N CYS A 145 -1.37 -21.65 10.74
N CYS A 145 -1.46 -21.62 10.66
CA CYS A 145 -0.74 -22.27 9.58
CA CYS A 145 -0.68 -22.33 9.66
C CYS A 145 0.63 -21.64 9.44
C CYS A 145 0.68 -21.70 9.59
N TYR A 146 1.61 -22.44 8.98
CA TYR A 146 2.93 -21.91 8.67
C TYR A 146 2.89 -21.13 7.36
N SER A 147 3.72 -20.10 7.26
CA SER A 147 3.85 -19.39 5.99
C SER A 147 4.17 -20.34 4.84
N SER A 148 4.87 -21.43 5.12
CA SER A 148 5.32 -22.36 4.10
C SER A 148 4.29 -23.40 3.71
N CYS A 149 3.12 -23.45 4.36
CA CYS A 149 2.19 -24.56 4.16
C CYS A 149 1.76 -24.70 2.70
N MET A 150 1.96 -25.89 2.14
CA MET A 150 1.59 -26.14 0.75
C MET A 150 0.07 -26.12 0.59
N GLY A 151 -0.39 -25.52 -0.50
CA GLY A 151 -1.80 -25.39 -0.75
C GLY A 151 -2.49 -24.32 0.07
N GLY A 152 -1.76 -23.65 0.96
CA GLY A 152 -2.28 -22.51 1.68
C GLY A 152 -1.42 -21.29 1.38
N MET A 153 -0.79 -20.71 2.40
CA MET A 153 0.03 -19.52 2.13
C MET A 153 1.16 -19.83 1.16
N ASN A 154 1.72 -21.04 1.20
CA ASN A 154 2.64 -21.51 0.16
C ASN A 154 3.85 -20.57 -0.03
N ARG A 155 4.43 -20.15 1.10
CA ARG A 155 5.61 -19.29 1.19
C ARG A 155 5.34 -17.83 0.85
N ARG A 156 4.10 -17.45 0.59
CA ARG A 156 3.79 -16.07 0.26
C ARG A 156 3.65 -15.25 1.53
N PRO A 157 4.28 -14.08 1.62
CA PRO A 157 4.14 -13.25 2.82
CA PRO A 157 4.13 -13.26 2.82
C PRO A 157 2.72 -12.71 2.93
N ILE A 158 2.29 -12.53 4.18
CA ILE A 158 0.99 -11.95 4.49
C ILE A 158 1.18 -10.72 5.36
N LEU A 159 0.14 -9.90 5.37
CA LEU A 159 0.00 -8.78 6.29
CA LEU A 159 -0.01 -8.78 6.28
C LEU A 159 -1.21 -9.05 7.16
N THR A 160 -1.12 -8.68 8.44
CA THR A 160 -2.30 -8.59 9.29
C THR A 160 -2.72 -7.13 9.36
N ILE A 161 -3.99 -6.88 9.06
CA ILE A 161 -4.60 -5.55 9.16
C ILE A 161 -5.47 -5.53 10.41
N ILE A 162 -5.21 -4.59 11.32
CA ILE A 162 -5.99 -4.41 12.54
C ILE A 162 -6.79 -3.12 12.37
N THR A 163 -8.11 -3.22 12.47
CA THR A 163 -8.98 -2.07 12.34
CA THR A 163 -9.01 -2.09 12.31
C THR A 163 -9.77 -1.84 13.61
N LEU A 164 -9.87 -0.57 13.99
CA LEU A 164 -10.77 -0.12 15.05
C LEU A 164 -12.05 0.29 14.34
N GLU A 165 -13.20 -0.25 14.78
CA GLU A 165 -14.46 -0.05 14.09
C GLU A 165 -15.53 0.39 15.07
N ASP A 166 -16.49 1.17 14.59
CA ASP A 166 -17.66 1.47 15.41
C ASP A 166 -18.61 0.28 15.43
N SER A 167 -19.74 0.45 16.13
CA SER A 167 -20.66 -0.66 16.32
C SER A 167 -21.29 -1.14 15.02
N SER A 168 -21.34 -0.31 13.97
CA SER A 168 -21.85 -0.69 12.67
C SER A 168 -20.76 -1.21 11.74
N GLY A 169 -19.52 -1.25 12.18
CA GLY A 169 -18.42 -1.68 11.35
C GLY A 169 -17.71 -0.59 10.57
N ASN A 170 -18.07 0.67 10.78
CA ASN A 170 -17.39 1.76 10.09
C ASN A 170 -15.99 1.98 10.64
N LEU A 171 -15.08 2.40 9.76
CA LEU A 171 -13.68 2.52 10.11
C LEU A 171 -13.42 3.70 11.06
N LEU A 172 -12.71 3.42 12.15
CA LEU A 172 -12.23 4.47 13.06
C LEU A 172 -10.72 4.59 13.10
N GLY A 173 -10.00 3.52 12.77
CA GLY A 173 -8.55 3.52 12.81
C GLY A 173 -8.05 2.24 12.19
N ARG A 174 -6.79 2.26 11.74
CA ARG A 174 -6.21 1.11 11.07
C ARG A 174 -4.71 1.09 11.27
N ASP A 175 -4.16 -0.11 11.46
CA ASP A 175 -2.72 -0.32 11.51
C ASP A 175 -2.47 -1.71 10.93
N SER A 176 -1.21 -2.03 10.65
CA SER A 176 -0.92 -3.31 10.02
C SER A 176 0.54 -3.70 10.25
N PHE A 177 0.81 -4.98 10.04
CA PHE A 177 2.16 -5.50 10.15
C PHE A 177 2.27 -6.78 9.32
N GLU A 178 3.46 -7.02 8.77
CA GLU A 178 3.71 -8.28 8.08
C GLU A 178 3.87 -9.40 9.11
N VAL A 179 3.56 -10.64 8.69
CA VAL A 179 3.70 -11.80 9.56
C VAL A 179 4.40 -12.91 8.80
N ARG A 180 5.35 -13.57 9.47
CA ARG A 180 5.90 -14.84 9.02
C ARG A 180 5.67 -15.85 10.15
N VAL A 181 4.98 -16.94 9.83
CA VAL A 181 4.77 -18.02 10.79
C VAL A 181 5.78 -19.10 10.45
N CYS A 182 6.67 -19.41 11.38
CA CYS A 182 7.83 -20.23 11.06
C CYS A 182 8.31 -20.96 12.30
N ALA A 183 9.19 -21.94 12.08
CA ALA A 183 9.65 -22.77 13.17
C ALA A 183 10.62 -22.03 14.09
N CYS A 184 11.42 -21.13 13.55
N CYS A 184 11.45 -21.16 13.53
CA CYS A 184 12.49 -20.46 14.29
CA CYS A 184 12.49 -20.46 14.29
C CYS A 184 12.40 -18.95 14.09
C CYS A 184 12.37 -18.96 14.05
N PRO A 185 11.44 -18.30 14.74
CA PRO A 185 11.26 -16.85 14.52
C PRO A 185 12.46 -16.00 14.90
N GLY A 186 13.22 -16.36 15.93
CA GLY A 186 14.39 -15.58 16.28
C GLY A 186 15.45 -15.61 15.20
N ARG A 187 15.75 -16.80 14.68
CA ARG A 187 16.72 -16.93 13.59
C ARG A 187 16.23 -16.19 12.35
N ASP A 188 14.96 -16.34 12.00
CA ASP A 188 14.48 -15.71 10.78
C ASP A 188 14.46 -14.20 10.89
N ARG A 189 14.11 -13.66 12.07
CA ARG A 189 14.18 -12.22 12.25
C ARG A 189 15.61 -11.71 12.08
N ARG A 190 16.59 -12.40 12.68
CA ARG A 190 17.98 -11.98 12.52
C ARG A 190 18.40 -12.03 11.05
N THR A 191 18.03 -13.10 10.35
CA THR A 191 18.39 -13.23 8.94
C THR A 191 17.80 -12.10 8.11
N GLU A 192 16.50 -11.82 8.28
CA GLU A 192 15.88 -10.81 7.46
C GLU A 192 16.36 -9.41 7.81
N GLU A 193 16.65 -9.14 9.08
CA GLU A 193 17.22 -7.85 9.45
C GLU A 193 18.63 -7.68 8.92
N GLU A 194 19.40 -8.77 8.86
CA GLU A 194 20.72 -8.71 8.25
C GLU A 194 20.62 -8.46 6.75
N ASN A 195 19.69 -9.14 6.09
CA ASN A 195 19.45 -8.89 4.67
C ASN A 195 19.08 -7.43 4.42
N LEU A 196 18.25 -6.86 5.29
CA LEU A 196 17.88 -5.45 5.14
C LEU A 196 19.09 -4.54 5.31
N ARG A 197 19.93 -4.82 6.30
CA ARG A 197 21.11 -3.98 6.54
C ARG A 197 22.06 -4.01 5.35
N LYS A 198 22.07 -5.09 4.59
CA LYS A 198 22.93 -5.19 3.41
C LYS A 198 22.27 -4.51 2.21
N SER B 2 -5.19 8.76 -30.86
CA SER B 2 -5.92 9.68 -29.99
C SER B 2 -5.27 11.06 -29.98
N SER B 3 -6.07 12.09 -29.67
CA SER B 3 -5.55 13.45 -29.56
CA SER B 3 -5.54 13.44 -29.58
C SER B 3 -4.51 13.53 -28.45
N VAL B 4 -3.62 14.53 -28.55
CA VAL B 4 -2.45 14.62 -27.69
C VAL B 4 -2.68 15.67 -26.61
N PRO B 5 -2.67 15.30 -25.34
CA PRO B 5 -2.84 16.29 -24.27
C PRO B 5 -1.65 17.23 -24.20
N SER B 6 -1.93 18.48 -23.83
CA SER B 6 -0.86 19.45 -23.70
C SER B 6 0.06 19.09 -22.54
N GLN B 7 1.35 19.35 -22.72
CA GLN B 7 2.33 19.22 -21.65
C GLN B 7 2.93 20.55 -21.25
N LYS B 8 2.38 21.66 -21.72
CA LYS B 8 2.99 22.96 -21.46
C LYS B 8 2.83 23.36 -20.00
N THR B 9 3.92 23.78 -19.37
CA THR B 9 3.86 24.22 -17.98
C THR B 9 2.96 25.44 -17.85
N TYR B 10 2.07 25.43 -16.86
CA TYR B 10 1.12 26.51 -16.67
C TYR B 10 0.84 26.63 -15.18
N GLN B 11 1.39 27.66 -14.53
CA GLN B 11 1.17 27.77 -13.09
C GLN B 11 -0.26 28.17 -12.75
N GLY B 12 -0.90 28.99 -13.59
CA GLY B 12 -2.27 29.38 -13.34
C GLY B 12 -2.40 30.32 -12.16
N SER B 13 -3.66 30.58 -11.80
CA SER B 13 -3.98 31.59 -10.80
C SER B 13 -3.46 31.22 -9.42
N TYR B 14 -3.30 29.93 -9.14
CA TYR B 14 -2.88 29.49 -7.81
C TYR B 14 -1.39 29.26 -7.68
N GLY B 15 -0.60 29.49 -8.74
CA GLY B 15 0.84 29.29 -8.69
C GLY B 15 1.21 27.83 -8.50
N PHE B 16 0.56 26.95 -9.26
CA PHE B 16 0.73 25.51 -9.09
C PHE B 16 2.02 25.01 -9.73
N ARG B 17 2.79 24.21 -8.97
CA ARG B 17 3.97 23.55 -9.51
C ARG B 17 4.31 22.33 -8.67
N LEU B 18 5.12 21.44 -9.25
CA LEU B 18 5.51 20.22 -8.56
C LEU B 18 6.81 20.40 -7.79
N GLY B 19 7.06 19.47 -6.88
CA GLY B 19 8.34 19.37 -6.23
C GLY B 19 8.68 17.91 -5.97
N PHE B 20 9.97 17.65 -5.79
CA PHE B 20 10.44 16.30 -5.56
C PHE B 20 11.44 16.28 -4.42
N LEU B 21 11.44 15.18 -3.68
CA LEU B 21 12.43 14.97 -2.63
C LEU B 21 13.83 14.86 -3.22
N HIS B 22 14.83 14.98 -2.35
CA HIS B 22 16.22 14.81 -2.75
C HIS B 22 16.69 13.46 -2.20
N SER B 23 16.52 12.41 -3.00
CA SER B 23 16.72 11.04 -2.55
C SER B 23 18.09 10.47 -2.88
N GLY B 24 18.88 11.15 -3.71
CA GLY B 24 20.22 10.68 -4.02
C GLY B 24 20.23 9.53 -5.04
N THR B 25 21.41 8.96 -5.22
CA THR B 25 21.59 7.97 -6.28
C THR B 25 22.23 6.67 -5.79
N ALA B 26 22.11 6.37 -4.50
CA ALA B 26 22.66 5.11 -3.98
C ALA B 26 22.00 3.93 -4.69
N LYS B 27 22.71 2.79 -4.70
CA LYS B 27 22.19 1.62 -5.41
C LYS B 27 20.86 1.15 -4.84
N SER B 28 20.58 1.46 -3.58
CA SER B 28 19.37 1.00 -2.91
C SER B 28 18.15 1.87 -3.18
N VAL B 29 18.33 3.06 -3.76
CA VAL B 29 17.23 4.02 -3.84
C VAL B 29 16.14 3.50 -4.77
N THR B 30 14.89 3.70 -4.37
CA THR B 30 13.76 3.19 -5.13
C THR B 30 13.09 4.23 -6.03
N CYS B 31 13.35 5.51 -5.77
CA CYS B 31 12.79 6.58 -6.58
C CYS B 31 13.72 7.77 -6.40
N THR B 32 14.12 8.39 -7.51
CA THR B 32 15.01 9.55 -7.42
C THR B 32 14.74 10.47 -8.60
N TYR B 33 14.77 11.77 -8.35
CA TYR B 33 14.40 12.76 -9.36
C TYR B 33 15.63 13.55 -9.78
N SER B 34 15.80 13.74 -11.09
CA SER B 34 16.90 14.53 -11.64
C SER B 34 16.38 15.89 -12.08
N PRO B 35 16.68 16.96 -11.36
CA PRO B 35 16.30 18.30 -11.87
C PRO B 35 16.94 18.63 -13.19
N ALA B 36 18.19 18.21 -13.42
CA ALA B 36 18.86 18.55 -14.67
C ALA B 36 18.16 17.93 -15.87
N LEU B 37 17.57 16.75 -15.70
CA LEU B 37 16.86 16.07 -16.77
C LEU B 37 15.36 16.25 -16.72
N ASN B 38 14.84 16.90 -15.68
CA ASN B 38 13.41 16.88 -15.33
C ASN B 38 12.84 15.47 -15.49
N LYS B 39 13.46 14.52 -14.80
CA LYS B 39 13.17 13.11 -15.03
C LYS B 39 13.18 12.35 -13.70
N LEU B 40 12.09 11.63 -13.46
CA LEU B 40 11.96 10.75 -12.31
C LEU B 40 12.37 9.35 -12.72
N PHE B 41 13.20 8.72 -11.91
CA PHE B 41 13.63 7.34 -12.10
C PHE B 41 13.08 6.52 -10.93
N CYS B 42 12.39 5.42 -11.22
CA CYS B 42 11.79 4.67 -10.13
C CYS B 42 11.74 3.19 -10.45
N GLN B 43 11.69 2.38 -9.40
CA GLN B 43 11.49 0.95 -9.53
C GLN B 43 10.02 0.63 -9.76
N LEU B 44 9.78 -0.57 -10.29
CA LEU B 44 8.43 -1.02 -10.61
C LEU B 44 7.57 -1.06 -9.36
N ALA B 45 6.43 -0.37 -9.42
CA ALA B 45 5.37 -0.43 -8.41
C ALA B 45 5.79 0.12 -7.05
N LYS B 46 6.90 0.85 -6.96
CA LYS B 46 7.32 1.42 -5.69
C LYS B 46 6.77 2.84 -5.53
N THR B 47 6.74 3.30 -4.28
CA THR B 47 6.20 4.61 -3.96
C THR B 47 7.02 5.72 -4.60
N CYS B 48 6.36 6.61 -5.33
CA CYS B 48 6.99 7.80 -5.92
C CYS B 48 6.32 9.02 -5.32
N PRO B 49 6.95 9.70 -4.35
CA PRO B 49 6.32 10.88 -3.76
C PRO B 49 6.47 12.08 -4.69
N VAL B 50 5.35 12.73 -4.99
CA VAL B 50 5.34 13.94 -5.80
C VAL B 50 4.71 15.03 -4.95
N GLN B 51 5.43 16.13 -4.76
CA GLN B 51 4.91 17.26 -3.99
C GLN B 51 4.10 18.18 -4.88
N LEU B 52 3.05 18.74 -4.31
CA LEU B 52 2.27 19.79 -4.96
C LEU B 52 2.48 21.07 -4.16
N TRP B 53 2.79 22.16 -4.87
CA TRP B 53 3.00 23.45 -4.26
C TRP B 53 2.09 24.47 -4.92
N VAL B 54 1.52 25.38 -4.11
CA VAL B 54 0.72 26.49 -4.63
C VAL B 54 1.06 27.75 -3.83
N ASP B 55 0.83 28.90 -4.47
CA ASP B 55 0.96 30.17 -3.77
C ASP B 55 -0.28 30.52 -2.97
N SER B 56 -1.44 30.01 -3.37
CA SER B 56 -2.69 30.30 -2.68
C SER B 56 -3.59 29.07 -2.73
N THR B 57 -4.50 28.99 -1.77
CA THR B 57 -5.33 27.79 -1.60
C THR B 57 -6.39 27.71 -2.68
N PRO B 58 -6.45 26.62 -3.44
CA PRO B 58 -7.52 26.46 -4.41
C PRO B 58 -8.83 26.10 -3.71
N PRO B 59 -9.95 26.28 -4.39
CA PRO B 59 -11.27 26.08 -3.75
C PRO B 59 -11.51 24.62 -3.38
N PRO B 60 -12.37 24.37 -2.40
CA PRO B 60 -12.75 23.00 -2.09
C PRO B 60 -13.35 22.33 -3.32
N GLY B 61 -12.95 21.10 -3.58
CA GLY B 61 -13.39 20.39 -4.76
C GLY B 61 -12.39 20.41 -5.88
N THR B 62 -11.33 21.21 -5.77
CA THR B 62 -10.23 21.13 -6.73
C THR B 62 -9.60 19.74 -6.64
N ARG B 63 -9.12 19.24 -7.79
CA ARG B 63 -8.55 17.90 -7.87
C ARG B 63 -7.24 17.94 -8.61
N VAL B 64 -6.47 16.87 -8.48
CA VAL B 64 -5.19 16.76 -9.16
CA VAL B 64 -5.16 16.74 -9.12
C VAL B 64 -5.16 15.44 -9.93
N ARG B 65 -4.88 15.54 -11.22
CA ARG B 65 -4.94 14.41 -12.14
C ARG B 65 -3.57 14.10 -12.69
N ALA B 66 -3.26 12.81 -12.86
CA ALA B 66 -2.02 12.38 -13.49
C ALA B 66 -2.33 11.54 -14.72
N MET B 67 -1.56 11.76 -15.78
CA MET B 67 -1.73 11.04 -17.04
C MET B 67 -0.35 10.89 -17.67
N ALA B 68 -0.10 9.76 -18.32
CA ALA B 68 1.16 9.55 -19.04
C ALA B 68 0.95 9.71 -20.54
N ILE B 69 1.92 10.31 -21.21
CA ILE B 69 1.98 10.31 -22.68
C ILE B 69 3.40 9.93 -23.11
N TYR B 70 3.52 9.45 -24.34
CA TYR B 70 4.85 9.19 -24.89
C TYR B 70 5.52 10.52 -25.24
N LYS B 71 6.82 10.60 -24.97
CA LYS B 71 7.57 11.84 -25.16
C LYS B 71 7.87 12.11 -26.64
N GLN B 72 8.21 11.07 -27.39
CA GLN B 72 8.66 11.26 -28.77
C GLN B 72 7.48 11.59 -29.68
N SER B 73 7.74 12.47 -30.65
CA SER B 73 6.67 12.92 -31.54
CA SER B 73 6.68 12.91 -31.54
C SER B 73 6.02 11.75 -32.27
N GLN B 74 6.81 10.73 -32.64
CA GLN B 74 6.25 9.62 -33.40
C GLN B 74 5.35 8.71 -32.57
N HIS B 75 5.40 8.80 -31.25
CA HIS B 75 4.60 7.93 -30.40
C HIS B 75 3.55 8.68 -29.58
N MET B 76 3.54 10.00 -29.62
CA MET B 76 2.69 10.74 -28.69
CA MET B 76 2.69 10.76 -28.70
C MET B 76 1.20 10.50 -28.92
N THR B 77 0.78 10.08 -30.11
CA THR B 77 -0.64 9.82 -30.31
C THR B 77 -1.09 8.46 -29.79
N GLU B 78 -0.17 7.60 -29.35
CA GLU B 78 -0.51 6.28 -28.86
C GLU B 78 -0.80 6.33 -27.36
N VAL B 79 -1.89 5.70 -26.94
CA VAL B 79 -2.22 5.66 -25.51
C VAL B 79 -1.15 4.88 -24.76
N VAL B 80 -0.67 5.46 -23.66
CA VAL B 80 0.27 4.77 -22.76
C VAL B 80 -0.54 3.81 -21.89
N ARG B 81 -0.21 2.52 -21.97
CA ARG B 81 -0.93 1.53 -21.20
C ARG B 81 0.04 0.46 -20.71
N ARG B 82 -0.42 -0.35 -19.77
CA ARG B 82 0.39 -1.48 -19.34
C ARG B 82 0.51 -2.53 -20.44
N CYS B 83 1.59 -3.30 -20.36
CA CYS B 83 1.97 -4.27 -21.38
C CYS B 83 1.05 -5.49 -21.33
N PRO B 84 1.10 -6.35 -22.35
CA PRO B 84 0.20 -7.51 -22.37
C PRO B 84 0.40 -8.46 -21.20
N HIS B 85 1.59 -8.50 -20.61
CA HIS B 85 1.81 -9.34 -19.44
C HIS B 85 1.22 -8.72 -18.18
N HIS B 86 1.60 -7.48 -17.89
CA HIS B 86 1.19 -6.86 -16.63
C HIS B 86 -0.29 -6.60 -16.55
N GLU B 87 -0.95 -6.31 -17.69
CA GLU B 87 -2.38 -6.10 -17.61
C GLU B 87 -3.13 -7.38 -17.24
N ARG B 88 -2.48 -8.54 -17.32
CA ARG B 88 -3.09 -9.84 -17.03
C ARG B 88 -2.56 -10.49 -15.76
N CYS B 89 -1.87 -9.75 -14.89
N CYS B 89 -1.90 -9.72 -14.89
CA CYS B 89 -1.24 -10.40 -13.74
CA CYS B 89 -1.22 -10.26 -13.72
C CYS B 89 -2.03 -10.25 -12.45
C CYS B 89 -2.09 -10.39 -12.48
N SER B 90 -3.31 -9.87 -12.52
CA SER B 90 -4.21 -9.89 -11.35
C SER B 90 -3.65 -9.13 -10.17
N ASP B 91 -3.01 -7.99 -10.44
CA ASP B 91 -2.35 -7.25 -9.38
C ASP B 91 -3.05 -5.94 -9.04
N SER B 92 -4.32 -5.80 -9.43
CA SER B 92 -5.03 -4.57 -9.09
C SER B 92 -5.28 -4.50 -7.58
N ASP B 93 -5.56 -3.28 -7.12
CA ASP B 93 -5.87 -3.02 -5.72
C ASP B 93 -7.37 -2.90 -5.48
N GLY B 94 -8.18 -3.35 -6.43
CA GLY B 94 -9.62 -3.18 -6.35
C GLY B 94 -10.14 -1.85 -6.86
N LEU B 95 -9.25 -0.88 -7.11
CA LEU B 95 -9.63 0.41 -7.65
C LEU B 95 -9.04 0.66 -9.02
N ALA B 96 -7.74 0.46 -9.18
CA ALA B 96 -7.11 0.75 -10.46
C ALA B 96 -7.48 -0.33 -11.47
N PRO B 97 -7.97 0.04 -12.65
CA PRO B 97 -8.11 -0.96 -13.71
C PRO B 97 -6.75 -1.55 -14.03
N PRO B 98 -6.70 -2.84 -14.39
CA PRO B 98 -5.39 -3.48 -14.60
C PRO B 98 -4.61 -2.93 -15.79
N GLN B 99 -5.25 -2.18 -16.70
CA GLN B 99 -4.56 -1.59 -17.82
C GLN B 99 -3.82 -0.30 -17.47
N HIS B 100 -4.12 0.33 -16.33
CA HIS B 100 -3.59 1.66 -16.04
C HIS B 100 -2.14 1.62 -15.56
N LEU B 101 -1.27 2.39 -16.22
CA LEU B 101 0.12 2.45 -15.81
C LEU B 101 0.29 3.14 -14.45
N ILE B 102 -0.40 4.26 -14.24
CA ILE B 102 -0.20 5.08 -13.05
C ILE B 102 -1.30 4.79 -12.03
N ARG B 103 -0.90 4.45 -10.81
CA ARG B 103 -1.82 4.34 -9.68
C ARG B 103 -1.45 5.37 -8.62
N VAL B 104 -2.45 5.71 -7.81
CA VAL B 104 -2.21 6.45 -6.57
C VAL B 104 -2.24 5.43 -5.43
N GLU B 105 -1.23 5.50 -4.57
CA GLU B 105 -1.10 4.59 -3.45
C GLU B 105 -1.72 5.24 -2.21
N GLY B 106 -2.53 4.48 -1.49
CA GLY B 106 -3.02 4.90 -0.18
C GLY B 106 -4.00 6.05 -0.18
N ASN B 107 -4.93 6.10 -1.13
CA ASN B 107 -5.95 7.13 -1.12
C ASN B 107 -7.24 6.51 -1.68
N LEU B 108 -8.18 6.18 -0.80
CA LEU B 108 -9.42 5.56 -1.24
C LEU B 108 -10.31 6.50 -2.03
N ARG B 109 -9.99 7.78 -2.11
CA ARG B 109 -10.75 8.71 -2.94
C ARG B 109 -10.17 8.85 -4.34
N ALA B 110 -9.12 8.10 -4.68
CA ALA B 110 -8.61 8.11 -6.04
C ALA B 110 -9.68 7.56 -6.98
N GLU B 111 -9.80 8.19 -8.15
CA GLU B 111 -10.69 7.75 -9.20
C GLU B 111 -9.89 7.56 -10.48
N TYR B 112 -10.26 6.53 -11.23
CA TYR B 112 -9.55 6.17 -12.46
C TYR B 112 -10.47 6.39 -13.64
N LEU B 113 -9.96 7.08 -14.66
CA LEU B 113 -10.75 7.45 -15.82
C LEU B 113 -10.19 6.75 -17.05
N ASP B 114 -11.07 6.10 -17.82
CA ASP B 114 -10.82 5.74 -19.21
C ASP B 114 -11.59 6.76 -20.05
N ASP B 115 -10.87 7.68 -20.70
CA ASP B 115 -11.56 8.75 -21.41
C ASP B 115 -12.41 8.17 -22.54
N ARG B 116 -13.68 8.55 -22.58
CA ARG B 116 -14.62 7.95 -23.53
C ARG B 116 -14.31 8.33 -24.97
N ASN B 117 -13.58 9.42 -25.20
CA ASN B 117 -13.27 9.87 -26.55
C ASN B 117 -11.83 9.62 -26.95
N THR B 118 -10.86 9.85 -26.06
CA THR B 118 -9.45 9.66 -26.38
C THR B 118 -8.92 8.31 -25.94
N PHE B 119 -9.65 7.59 -25.09
CA PHE B 119 -9.24 6.31 -24.53
C PHE B 119 -8.03 6.40 -23.63
N ARG B 120 -7.57 7.60 -23.30
CA ARG B 120 -6.43 7.73 -22.43
C ARG B 120 -6.82 7.49 -20.98
N HIS B 121 -5.85 7.02 -20.20
CA HIS B 121 -6.05 6.69 -18.80
C HIS B 121 -5.56 7.83 -17.92
N SER B 122 -6.23 8.02 -16.80
CA SER B 122 -5.71 8.96 -15.81
C SER B 122 -6.24 8.58 -14.43
N VAL B 123 -5.60 9.13 -13.41
CA VAL B 123 -6.01 8.91 -12.03
C VAL B 123 -6.06 10.27 -11.35
N VAL B 124 -7.13 10.53 -10.61
CA VAL B 124 -7.40 11.85 -10.07
C VAL B 124 -7.75 11.72 -8.59
N VAL B 125 -7.24 12.64 -7.78
CA VAL B 125 -7.56 12.66 -6.35
C VAL B 125 -8.00 14.05 -5.95
N PRO B 126 -8.79 14.19 -4.88
CA PRO B 126 -9.12 15.52 -4.37
C PRO B 126 -7.91 16.19 -3.77
N CYS B 127 -7.83 17.50 -3.94
CA CYS B 127 -6.84 18.30 -3.20
C CYS B 127 -7.20 18.29 -1.72
N GLU B 128 -6.19 18.07 -0.88
CA GLU B 128 -6.33 18.24 0.55
C GLU B 128 -5.15 19.07 1.03
N PRO B 129 -5.36 19.92 2.03
CA PRO B 129 -4.28 20.81 2.47
C PRO B 129 -3.17 20.02 3.14
N PRO B 130 -1.97 20.61 3.24
CA PRO B 130 -0.85 19.89 3.85
C PRO B 130 -1.18 19.49 5.28
N GLU B 131 -0.57 18.38 5.71
CA GLU B 131 -0.69 17.97 7.09
C GLU B 131 0.04 18.97 7.97
N VAL B 132 -0.33 18.99 9.26
CA VAL B 132 0.32 19.90 10.21
C VAL B 132 1.81 19.64 10.21
N GLY B 133 2.58 20.73 10.15
CA GLY B 133 4.02 20.61 10.09
C GLY B 133 4.61 20.40 8.72
N SER B 134 3.79 20.41 7.66
CA SER B 134 4.25 20.34 6.29
C SER B 134 3.83 21.60 5.54
N ASP B 135 4.65 22.00 4.57
CA ASP B 135 4.35 23.15 3.72
C ASP B 135 3.75 22.76 2.39
N CYS B 136 3.68 21.48 2.07
CA CYS B 136 3.14 21.05 0.79
C CYS B 136 2.36 19.76 1.00
N THR B 137 1.60 19.40 -0.02
CA THR B 137 0.87 18.15 -0.04
C THR B 137 1.62 17.19 -0.95
N THR B 138 1.66 15.93 -0.57
CA THR B 138 2.37 14.91 -1.33
C THR B 138 1.38 13.85 -1.78
N ILE B 139 1.45 13.48 -3.05
CA ILE B 139 0.73 12.33 -3.59
CA ILE B 139 0.74 12.34 -3.59
C ILE B 139 1.75 11.23 -3.85
N HIS B 140 1.38 10.01 -3.52
CA HIS B 140 2.24 8.85 -3.75
CA HIS B 140 2.23 8.84 -3.75
C HIS B 140 1.74 8.12 -4.99
N TYR B 141 2.54 8.13 -6.05
CA TYR B 141 2.22 7.43 -7.28
C TYR B 141 3.00 6.11 -7.37
N ASN B 142 2.41 5.15 -8.09
CA ASN B 142 3.11 3.91 -8.45
C ASN B 142 3.03 3.74 -9.96
N TYR B 143 4.14 3.34 -10.56
CA TYR B 143 4.18 3.04 -11.99
C TYR B 143 4.26 1.53 -12.16
N MET B 144 3.32 0.97 -12.95
CA MET B 144 3.03 -0.46 -12.88
C MET B 144 3.61 -1.27 -14.03
N CYS B 145 4.47 -0.68 -14.85
CA CYS B 145 5.26 -1.40 -15.85
C CYS B 145 6.65 -0.79 -15.90
N TYR B 146 7.62 -1.60 -16.31
CA TYR B 146 8.96 -1.09 -16.62
C TYR B 146 8.91 -0.35 -17.96
N SER B 147 9.77 0.67 -18.08
CA SER B 147 9.91 1.34 -19.37
C SER B 147 10.23 0.35 -20.48
N SER B 148 10.90 -0.75 -20.17
CA SER B 148 11.31 -1.73 -21.17
C SER B 148 10.25 -2.77 -21.52
N CYS B 149 9.08 -2.75 -20.88
CA CYS B 149 8.12 -3.85 -21.06
C CYS B 149 7.74 -4.03 -22.52
N MET B 150 7.94 -5.24 -23.04
CA MET B 150 7.60 -5.49 -24.44
C MET B 150 6.08 -5.49 -24.65
N GLY B 151 5.65 -4.93 -25.77
CA GLY B 151 4.23 -4.76 -26.03
C GLY B 151 3.57 -3.64 -25.27
N GLY B 152 4.28 -3.00 -24.34
CA GLY B 152 3.81 -1.81 -23.67
C GLY B 152 4.68 -0.62 -24.02
N MET B 153 5.30 0.00 -23.01
CA MET B 153 6.14 1.14 -23.29
C MET B 153 7.30 0.78 -24.22
N ASN B 154 7.83 -0.43 -24.12
CA ASN B 154 8.77 -0.97 -25.11
C ASN B 154 9.96 -0.02 -25.33
N ARG B 155 10.53 0.44 -24.22
CA ARG B 155 11.73 1.28 -24.17
C ARG B 155 11.50 2.71 -24.60
N ARG B 156 10.24 3.10 -24.84
CA ARG B 156 9.92 4.45 -25.28
C ARG B 156 9.75 5.36 -24.07
N PRO B 157 10.43 6.50 -24.02
CA PRO B 157 10.27 7.41 -22.87
CA PRO B 157 10.26 7.40 -22.86
C PRO B 157 8.87 7.99 -22.78
N ILE B 158 8.41 8.18 -21.55
CA ILE B 158 7.11 8.79 -21.29
C ILE B 158 7.29 10.05 -20.45
N LEU B 159 6.26 10.89 -20.49
CA LEU B 159 6.10 12.00 -19.57
C LEU B 159 4.87 11.75 -18.72
N THR B 160 4.92 12.17 -17.47
CA THR B 160 3.70 12.27 -16.66
C THR B 160 3.29 13.74 -16.65
N ILE B 161 2.02 13.99 -16.93
CA ILE B 161 1.44 15.34 -16.90
C ILE B 161 0.54 15.40 -15.67
N ILE B 162 0.80 16.37 -14.79
CA ILE B 162 0.01 16.57 -13.59
C ILE B 162 -0.81 17.83 -13.78
N THR B 163 -2.13 17.71 -13.67
CA THR B 163 -2.99 18.86 -13.86
CA THR B 163 -3.04 18.83 -13.88
C THR B 163 -3.79 19.14 -12.60
N LEU B 164 -3.88 20.41 -12.25
CA LEU B 164 -4.79 20.89 -11.23
C LEU B 164 -6.07 21.28 -11.94
N GLU B 165 -7.22 20.79 -11.44
CA GLU B 165 -8.49 20.95 -12.13
C GLU B 165 -9.56 21.40 -11.15
N ASP B 166 -10.54 22.15 -11.65
CA ASP B 166 -11.69 22.44 -10.80
C ASP B 166 -12.62 21.23 -10.75
N SER B 167 -13.74 21.38 -10.04
CA SER B 167 -14.62 20.23 -9.82
C SER B 167 -15.30 19.76 -11.11
N SER B 168 -15.37 20.60 -12.14
CA SER B 168 -15.88 20.20 -13.45
C SER B 168 -14.82 19.59 -14.34
N GLY B 169 -13.56 19.61 -13.94
CA GLY B 169 -12.47 19.16 -14.78
C GLY B 169 -11.78 20.24 -15.59
N ASN B 170 -12.13 21.51 -15.40
CA ASN B 170 -11.47 22.58 -16.14
C ASN B 170 -10.07 22.80 -15.61
N LEU B 171 -9.16 23.15 -16.53
CA LEU B 171 -7.75 23.28 -16.20
C LEU B 171 -7.50 24.49 -15.32
N LEU B 172 -6.79 24.29 -14.23
CA LEU B 172 -6.30 25.38 -13.39
C LEU B 172 -4.78 25.51 -13.40
N GLY B 173 -4.06 24.43 -13.63
CA GLY B 173 -2.59 24.46 -13.64
C GLY B 173 -2.06 23.17 -14.22
N ARG B 174 -0.82 23.22 -14.70
CA ARG B 174 -0.22 22.06 -15.36
C ARG B 174 1.27 22.04 -15.11
N ASP B 175 1.81 20.84 -14.90
CA ASP B 175 3.26 20.62 -14.82
C ASP B 175 3.52 19.21 -15.34
N SER B 176 4.79 18.87 -15.55
CA SER B 176 5.11 17.58 -16.14
C SER B 176 6.54 17.19 -15.83
N PHE B 177 6.82 15.90 -15.97
CA PHE B 177 8.16 15.36 -15.80
C PHE B 177 8.28 14.06 -16.59
N GLU B 178 9.49 13.78 -17.08
CA GLU B 178 9.76 12.50 -17.73
C GLU B 178 9.89 11.41 -16.65
N VAL B 179 9.60 10.17 -17.03
CA VAL B 179 9.70 9.04 -16.12
C VAL B 179 10.42 7.89 -16.81
N ARG B 180 11.33 7.25 -16.09
CA ARG B 180 11.90 5.97 -16.47
C ARG B 180 11.64 5.01 -15.31
N VAL B 181 10.97 3.90 -15.61
CA VAL B 181 10.73 2.86 -14.63
C VAL B 181 11.74 1.76 -14.91
N CYS B 182 12.59 1.46 -13.93
CA CYS B 182 13.77 0.65 -14.20
C CYS B 182 14.20 -0.04 -12.92
N ALA B 183 15.05 -1.05 -13.08
CA ALA B 183 15.50 -1.84 -11.93
C ALA B 183 16.43 -1.06 -11.02
N CYS B 184 17.24 -0.15 -11.57
CA CYS B 184 18.29 0.52 -10.82
C CYS B 184 18.22 2.02 -11.06
N PRO B 185 17.25 2.69 -10.43
CA PRO B 185 17.08 4.13 -10.71
C PRO B 185 18.28 4.99 -10.34
N GLY B 186 18.98 4.67 -9.25
CA GLY B 186 20.14 5.47 -8.87
C GLY B 186 21.24 5.39 -9.92
N ARG B 187 21.53 4.17 -10.38
CA ARG B 187 22.55 3.99 -11.40
C ARG B 187 22.13 4.65 -12.71
N ASP B 188 20.86 4.52 -13.10
CA ASP B 188 20.43 5.08 -14.36
C ASP B 188 20.41 6.61 -14.31
N ARG B 189 20.03 7.19 -13.17
CA ARG B 189 20.12 8.64 -13.03
C ARG B 189 21.56 9.13 -13.20
N ARG B 190 22.50 8.49 -12.50
CA ARG B 190 23.90 8.89 -12.64
C ARG B 190 24.37 8.76 -14.09
N THR B 191 24.00 7.67 -14.76
CA THR B 191 24.42 7.47 -16.13
C THR B 191 23.86 8.54 -17.05
N GLU B 192 22.56 8.84 -16.93
CA GLU B 192 21.95 9.81 -17.83
C GLU B 192 22.42 11.23 -17.52
N GLU B 193 22.71 11.54 -16.25
CA GLU B 193 23.28 12.85 -15.93
C GLU B 193 24.71 12.95 -16.43
N GLU B 194 25.49 11.86 -16.34
CA GLU B 194 26.84 11.86 -16.89
C GLU B 194 26.80 12.08 -18.41
N ASN B 195 25.87 11.42 -19.09
CA ASN B 195 25.72 11.62 -20.52
C ASN B 195 25.38 13.08 -20.85
N LEU B 196 24.49 13.68 -20.05
CA LEU B 196 24.16 15.08 -20.25
C LEU B 196 25.40 15.96 -20.12
N ARG B 197 26.21 15.70 -19.10
CA ARG B 197 27.46 16.44 -18.92
C ARG B 197 28.50 15.97 -19.94
ZN ZN C . -1.11 -25.26 7.22
N1 9H5 D . -9.04 0.31 24.10
N3 9H5 D . -6.34 7.68 27.98
C4 9H5 D . -8.98 1.25 25.16
C5 9H5 D . -7.68 1.67 25.51
C6 9H5 D . -7.53 2.62 26.54
C7 9H5 D . -9.27 -1.03 24.14
C8 9H5 D . -9.22 -1.52 22.85
C10 9H5 D . -8.85 0.68 22.77
C13 9H5 D . -6.62 6.94 29.28
C15 9H5 D . -7.75 6.03 26.77
C12 9H5 D . -8.01 6.31 29.22
C16 9H5 D . -5.03 8.40 28.05
C14 9H5 D . -6.38 6.72 26.80
N2 9H5 D . -8.09 5.42 28.07
C11 9H5 D . -8.54 4.12 28.28
O2 9H5 D . -8.83 3.70 29.40
C1 9H5 D . -8.66 3.13 27.18
I2 9H5 D . -5.95 0.88 24.55
O1 9H5 D . -6.30 3.09 26.95
C2 9H5 D . -9.95 2.71 26.82
C3 9H5 D . -10.15 1.76 25.80
I1 9H5 D . -12.17 1.20 25.38
C9 9H5 D . -8.95 -0.45 21.97
ZN ZN E . 4.70 -4.44 -18.11
N1 9H5 F . -3.06 21.64 -2.22
N3 9H5 F . -0.25 29.09 1.42
C4 9H5 F . -2.99 22.60 -1.19
C5 9H5 F . -1.69 23.06 -0.87
C6 9H5 F . -1.56 24.05 0.13
C7 9H5 F . -2.90 21.97 -3.55
C8 9H5 F . -3.00 20.82 -4.30
C10 9H5 F . -3.26 20.28 -2.12
C13 9H5 F . -0.56 28.42 2.75
C15 9H5 F . -1.73 27.44 0.29
C12 9H5 F . -1.96 27.81 2.72
C16 9H5 F . 1.07 29.80 1.42
C14 9H5 F . -0.35 28.08 0.28
N2 9H5 F . -2.08 26.88 1.59
C11 9H5 F . -2.55 25.58 1.84
O2 9H5 F . -2.83 25.20 2.98
C1 9H5 F . -2.69 24.55 0.78
I2 9H5 F . 0.07 22.30 -1.82
O1 9H5 F . -0.33 24.54 0.50
C2 9H5 F . -3.98 24.09 0.46
C3 9H5 F . -4.15 23.11 -0.53
I1 9H5 F . -6.16 22.48 -0.92
C9 9H5 F . -3.24 19.76 -3.39
C1 GOL G . -10.40 2.07 -23.01
O1 GOL G . -10.87 3.36 -22.68
C2 GOL G . -9.06 1.87 -22.30
O2 GOL G . -8.06 2.60 -22.98
C3 GOL G . -8.74 0.37 -22.26
O3 GOL G . -7.68 0.14 -21.36
#